data_4H7A
#
_entry.id   4H7A
#
_cell.length_a   100.777
_cell.length_b   100.777
_cell.length_c   84.862
_cell.angle_alpha   90.000
_cell.angle_beta   90.000
_cell.angle_gamma   90.000
#
_symmetry.space_group_name_H-M   'P 43 21 2'
#
loop_
_entity.id
_entity.type
_entity.pdbx_description
1 polymer 'CRISPR-associated protein Cse2'
2 water water
#
_entity_poly.entity_id   1
_entity_poly.type   'polypeptide(L)'
_entity_poly.pdbx_seq_one_letter_code
;MSRGHHHHHHGSMSPGERFLDWLKRLQGQKAWTAARAAFRRSLAFPPGAYPRAMPYVEPFLAKGDWRQEEREAHYLVAAL
YALKDGDHQVGRTLARALWEKAQGSASVEKRFLALLEADRDQIAFRLRQAVALVEGGIDFARLLDDLLRWFSPERHVQAR
WAREYYGA
;
_entity_poly.pdbx_strand_id   A,B
#
# COMPACT_ATOMS: atom_id res chain seq x y z
N MET A 13 -24.74 -8.94 8.06
CA MET A 13 -24.30 -8.11 6.94
C MET A 13 -23.28 -8.80 6.05
N SER A 14 -23.36 -8.53 4.76
CA SER A 14 -22.38 -8.91 3.79
C SER A 14 -21.22 -7.92 3.89
N PRO A 15 -20.09 -8.28 3.34
CA PRO A 15 -18.94 -7.38 3.38
C PRO A 15 -19.18 -6.09 2.62
N GLY A 16 -19.82 -6.19 1.48
CA GLY A 16 -20.15 -5.01 0.69
C GLY A 16 -21.07 -4.15 1.51
N GLU A 17 -21.97 -4.78 2.24
CA GLU A 17 -22.88 -4.08 3.08
C GLU A 17 -22.13 -3.32 4.17
N ARG A 18 -21.21 -3.99 4.83
CA ARG A 18 -20.49 -3.32 5.88
C ARG A 18 -19.66 -2.17 5.37
N PHE A 19 -19.02 -2.33 4.22
CA PHE A 19 -18.20 -1.28 3.66
C PHE A 19 -18.97 -0.07 3.21
N LEU A 20 -20.12 -0.32 2.61
CA LEU A 20 -20.90 0.76 2.08
C LEU A 20 -21.33 1.62 3.25
N ASP A 21 -21.60 0.96 4.35
CA ASP A 21 -22.02 1.63 5.53
C ASP A 21 -20.95 2.58 5.99
N TRP A 22 -19.71 2.11 5.90
CA TRP A 22 -18.58 2.83 6.36
C TRP A 22 -18.42 4.04 5.51
N LEU A 23 -18.56 3.83 4.22
CA LEU A 23 -18.42 4.92 3.27
C LEU A 23 -19.47 5.99 3.50
N LYS A 24 -20.69 5.57 3.75
CA LYS A 24 -21.73 6.51 4.01
C LYS A 24 -21.48 7.34 5.27
N ARG A 25 -20.96 6.76 6.35
CA ARG A 25 -20.68 7.53 7.53
C ARG A 25 -19.65 8.56 7.17
N LEU A 26 -18.70 8.14 6.34
CA LEU A 26 -17.62 8.99 5.96
C LEU A 26 -18.18 10.16 5.20
N GLN A 27 -19.16 9.92 4.33
CA GLN A 27 -19.68 11.00 3.54
C GLN A 27 -20.40 12.07 4.34
N GLY A 28 -21.13 11.68 5.38
CA GLY A 28 -21.77 12.67 6.22
C GLY A 28 -20.86 13.13 7.31
N GLN A 29 -19.60 13.39 6.97
CA GLN A 29 -18.60 13.81 7.94
C GLN A 29 -17.76 14.85 7.28
N LYS A 30 -17.12 15.68 8.08
CA LYS A 30 -16.37 16.80 7.57
C LYS A 30 -15.21 16.41 6.69
N ALA A 31 -14.67 15.24 6.95
CA ALA A 31 -13.55 14.71 6.18
C ALA A 31 -13.90 14.33 4.75
N TRP A 32 -15.19 14.25 4.45
CA TRP A 32 -15.64 13.73 3.18
C TRP A 32 -15.04 14.44 2.00
N THR A 33 -14.98 15.75 2.07
CA THR A 33 -14.48 16.51 0.96
C THR A 33 -13.10 16.04 0.57
N ALA A 34 -12.23 15.94 1.55
CA ALA A 34 -10.88 15.47 1.35
C ALA A 34 -10.81 14.02 0.89
N ALA A 35 -11.62 13.19 1.47
CA ALA A 35 -11.63 11.80 1.08
C ALA A 35 -12.08 11.64 -0.38
N ARG A 36 -13.09 12.39 -0.76
CA ARG A 36 -13.60 12.28 -2.10
C ARG A 36 -12.49 12.56 -3.07
N ALA A 37 -11.73 13.59 -2.79
CA ALA A 37 -10.61 13.97 -3.64
C ALA A 37 -9.50 12.94 -3.61
N ALA A 38 -9.25 12.38 -2.44
CA ALA A 38 -8.23 11.35 -2.32
C ALA A 38 -8.60 10.07 -3.06
N PHE A 39 -9.84 9.62 -2.89
CA PHE A 39 -10.35 8.49 -3.62
C PHE A 39 -10.37 8.77 -5.11
N ARG A 40 -10.74 9.97 -5.52
CA ARG A 40 -10.67 10.32 -6.93
C ARG A 40 -9.24 10.26 -7.48
N ARG A 41 -8.30 10.80 -6.73
CA ARG A 41 -6.94 10.86 -7.22
C ARG A 41 -6.35 9.46 -7.42
N SER A 42 -6.80 8.52 -6.61
CA SER A 42 -6.29 7.16 -6.59
C SER A 42 -6.57 6.35 -7.83
N LEU A 43 -7.54 6.76 -8.63
CA LEU A 43 -7.90 6.03 -9.84
C LEU A 43 -6.76 6.03 -10.80
N ALA A 44 -5.86 6.97 -10.64
CA ALA A 44 -4.70 7.06 -11.49
C ALA A 44 -3.65 5.99 -11.18
N PHE A 45 -3.83 5.31 -10.06
CA PHE A 45 -2.86 4.35 -9.62
C PHE A 45 -3.58 3.08 -9.35
N PRO A 46 -2.81 2.01 -9.16
CA PRO A 46 -3.38 0.70 -8.86
C PRO A 46 -4.00 0.77 -7.51
N PRO A 47 -4.99 -0.07 -7.26
CA PRO A 47 -5.70 -0.01 -5.99
C PRO A 47 -4.85 -0.41 -4.82
N GLY A 48 -4.85 0.42 -3.80
CA GLY A 48 -4.05 0.16 -2.61
C GLY A 48 -2.63 0.69 -2.66
N ALA A 49 -2.21 1.19 -3.79
CA ALA A 49 -0.85 1.65 -3.92
C ALA A 49 -0.79 3.16 -3.77
N TYR A 50 -1.89 3.76 -3.37
CA TYR A 50 -1.93 5.19 -3.19
C TYR A 50 -2.12 5.49 -1.73
N PRO A 51 -1.11 6.08 -1.11
CA PRO A 51 -1.10 6.36 0.32
C PRO A 51 -2.10 7.36 0.87
N ARG A 52 -2.34 8.46 0.16
CA ARG A 52 -3.27 9.48 0.64
C ARG A 52 -4.69 8.98 0.81
N ALA A 53 -5.04 7.88 0.16
CA ALA A 53 -6.34 7.25 0.32
C ALA A 53 -6.39 6.31 1.48
N MET A 54 -5.23 6.03 2.07
CA MET A 54 -5.11 5.02 3.11
C MET A 54 -5.86 5.29 4.41
N PRO A 55 -5.83 6.51 4.87
CA PRO A 55 -6.38 6.84 6.18
C PRO A 55 -7.85 6.56 6.23
N TYR A 56 -8.50 6.70 5.10
CA TYR A 56 -9.91 6.45 5.02
C TYR A 56 -10.32 4.99 4.94
N VAL A 57 -9.40 4.12 4.58
CA VAL A 57 -9.76 2.72 4.41
C VAL A 57 -9.09 1.72 5.37
N GLU A 58 -7.82 1.94 5.72
CA GLU A 58 -7.09 0.94 6.48
C GLU A 58 -7.68 0.65 7.84
N PRO A 59 -8.16 1.69 8.51
CA PRO A 59 -8.77 1.47 9.83
C PRO A 59 -9.92 0.54 9.71
N PHE A 60 -10.67 0.61 8.61
CA PHE A 60 -11.76 -0.32 8.40
C PHE A 60 -11.20 -1.71 8.14
N LEU A 61 -10.22 -1.79 7.27
CA LEU A 61 -9.65 -3.06 6.93
C LEU A 61 -9.02 -3.79 8.09
N ALA A 62 -8.53 -3.03 9.06
CA ALA A 62 -7.77 -3.62 10.15
C ALA A 62 -8.62 -4.55 10.99
N LYS A 63 -9.93 -4.43 10.90
CA LYS A 63 -10.81 -5.18 11.78
C LYS A 63 -11.13 -6.50 11.17
N GLY A 64 -10.48 -6.83 10.08
CA GLY A 64 -10.75 -8.08 9.41
C GLY A 64 -9.50 -8.73 8.91
N ASP A 65 -9.64 -9.83 8.19
CA ASP A 65 -8.47 -10.50 7.68
C ASP A 65 -8.63 -10.63 6.21
N TRP A 66 -7.82 -9.90 5.45
CA TRP A 66 -8.03 -9.82 4.01
C TRP A 66 -6.86 -10.22 3.18
N ARG A 67 -7.11 -10.92 2.11
CA ARG A 67 -6.09 -11.24 1.15
C ARG A 67 -5.85 -9.96 0.42
N GLN A 68 -4.73 -9.83 -0.26
CA GLN A 68 -4.40 -8.57 -0.92
C GLN A 68 -5.41 -8.17 -1.98
N GLU A 69 -5.80 -9.12 -2.81
CA GLU A 69 -6.78 -8.87 -3.82
C GLU A 69 -8.10 -8.40 -3.24
N GLU A 70 -8.44 -8.91 -2.07
CA GLU A 70 -9.64 -8.52 -1.36
C GLU A 70 -9.54 -7.12 -0.83
N ARG A 71 -8.37 -6.77 -0.38
CA ARG A 71 -8.08 -5.43 0.06
C ARG A 71 -8.17 -4.48 -1.11
N GLU A 72 -7.69 -4.93 -2.24
CA GLU A 72 -7.71 -4.14 -3.44
C GLU A 72 -9.11 -3.87 -3.89
N ALA A 73 -10.01 -4.83 -3.70
CA ALA A 73 -11.38 -4.64 -4.11
C ALA A 73 -12.03 -3.48 -3.38
N HIS A 74 -11.77 -3.37 -2.09
CA HIS A 74 -12.34 -2.31 -1.28
C HIS A 74 -11.91 -0.95 -1.79
N TYR A 75 -10.63 -0.82 -2.08
CA TYR A 75 -10.09 0.42 -2.51
C TYR A 75 -10.69 0.85 -3.81
N LEU A 76 -10.88 -0.11 -4.70
CA LEU A 76 -11.49 0.17 -5.96
C LEU A 76 -12.92 0.64 -5.81
N VAL A 77 -13.70 -0.06 -5.01
CA VAL A 77 -15.06 0.34 -4.82
C VAL A 77 -15.13 1.68 -4.15
N ALA A 78 -14.21 1.95 -3.28
CA ALA A 78 -14.19 3.23 -2.63
C ALA A 78 -13.95 4.36 -3.60
N ALA A 79 -13.04 4.17 -4.55
CA ALA A 79 -12.78 5.21 -5.51
C ALA A 79 -13.98 5.39 -6.43
N LEU A 80 -14.61 4.28 -6.83
CA LEU A 80 -15.75 4.33 -7.72
C LEU A 80 -16.92 4.98 -7.09
N TYR A 81 -17.14 4.71 -5.81
CA TYR A 81 -18.19 5.35 -5.04
C TYR A 81 -17.97 6.88 -4.99
N ALA A 82 -16.73 7.31 -4.79
CA ALA A 82 -16.38 8.71 -4.80
C ALA A 82 -16.57 9.34 -6.16
N LEU A 83 -16.28 8.58 -7.19
CA LEU A 83 -16.42 9.07 -8.54
C LEU A 83 -17.85 9.45 -8.78
N LYS A 84 -18.75 8.74 -8.14
CA LYS A 84 -20.15 8.99 -8.33
C LYS A 84 -20.71 9.72 -7.14
N ASP A 85 -19.84 10.32 -6.36
CA ASP A 85 -20.26 11.12 -5.24
C ASP A 85 -21.25 10.36 -4.37
N GLY A 86 -21.05 9.07 -4.19
CA GLY A 86 -21.88 8.30 -3.32
C GLY A 86 -23.25 7.95 -3.83
N ASP A 87 -23.43 7.97 -5.13
CA ASP A 87 -24.75 7.73 -5.64
C ASP A 87 -25.02 6.24 -5.69
N HIS A 88 -25.57 5.74 -4.59
CA HIS A 88 -25.76 4.33 -4.41
C HIS A 88 -27.20 4.02 -4.35
N GLN A 89 -27.69 3.13 -5.19
CA GLN A 89 -29.10 2.72 -5.11
C GLN A 89 -29.23 1.25 -5.01
N VAL A 90 -29.68 0.80 -3.87
CA VAL A 90 -29.74 -0.63 -3.65
C VAL A 90 -30.66 -1.33 -4.65
N GLY A 91 -30.14 -2.42 -5.18
CA GLY A 91 -30.86 -3.21 -6.17
C GLY A 91 -30.52 -2.84 -7.61
N ARG A 92 -30.04 -1.62 -7.85
CA ARG A 92 -29.67 -1.30 -9.20
C ARG A 92 -28.23 -1.69 -9.38
N THR A 93 -27.99 -2.83 -10.00
CA THR A 93 -26.62 -3.31 -10.17
C THR A 93 -25.95 -2.68 -11.37
N LEU A 94 -24.65 -2.84 -11.44
CA LEU A 94 -23.86 -2.26 -12.50
C LEU A 94 -24.26 -2.82 -13.85
N ALA A 95 -24.55 -4.11 -13.88
CA ALA A 95 -24.94 -4.74 -15.11
C ALA A 95 -26.28 -4.24 -15.56
N ARG A 96 -27.23 -4.14 -14.65
CA ARG A 96 -28.55 -3.68 -15.05
C ARG A 96 -28.45 -2.27 -15.57
N ALA A 97 -27.67 -1.46 -14.89
CA ALA A 97 -27.51 -0.08 -15.33
C ALA A 97 -26.83 -0.03 -16.69
N LEU A 98 -25.84 -0.89 -16.90
CA LEU A 98 -25.17 -0.89 -18.18
C LEU A 98 -26.13 -1.27 -19.24
N TRP A 99 -27.04 -2.17 -18.92
CA TRP A 99 -28.05 -2.54 -19.89
C TRP A 99 -28.90 -1.37 -20.22
N GLU A 100 -29.39 -0.70 -19.20
CA GLU A 100 -30.33 0.38 -19.38
C GLU A 100 -29.68 1.44 -20.22
N LYS A 101 -28.40 1.67 -19.98
CA LYS A 101 -27.69 2.66 -20.76
C LYS A 101 -27.59 2.25 -22.21
N ALA A 102 -27.42 0.95 -22.43
CA ALA A 102 -27.23 0.43 -23.77
C ALA A 102 -28.40 0.67 -24.73
N GLN A 103 -29.59 0.98 -24.22
CA GLN A 103 -30.70 1.23 -25.17
C GLN A 103 -30.35 2.47 -25.99
N GLY A 104 -29.68 3.41 -25.31
CA GLY A 104 -29.09 4.60 -25.90
C GLY A 104 -27.90 4.37 -26.82
N SER A 105 -27.03 3.41 -26.49
CA SER A 105 -25.83 3.09 -27.29
C SER A 105 -25.55 1.59 -27.43
N ALA A 106 -25.23 1.14 -28.65
CA ALA A 106 -24.91 -0.29 -28.87
C ALA A 106 -23.46 -0.52 -28.47
N SER A 107 -22.76 0.59 -28.29
CA SER A 107 -21.36 0.63 -27.93
C SER A 107 -21.17 0.01 -26.54
N VAL A 108 -22.18 0.16 -25.70
CA VAL A 108 -22.14 -0.31 -24.36
C VAL A 108 -22.04 -1.79 -24.22
N GLU A 109 -22.90 -2.53 -24.91
CA GLU A 109 -22.91 -3.97 -24.80
C GLU A 109 -21.52 -4.47 -25.10
N LYS A 110 -20.85 -3.87 -26.05
CA LYS A 110 -19.48 -4.23 -26.32
C LYS A 110 -18.59 -4.01 -25.10
N ARG A 111 -18.81 -2.93 -24.38
CA ARG A 111 -17.99 -2.62 -23.24
C ARG A 111 -18.22 -3.55 -22.08
N PHE A 112 -19.47 -3.90 -21.86
CA PHE A 112 -19.83 -4.82 -20.81
C PHE A 112 -19.17 -6.14 -21.01
N LEU A 113 -19.18 -6.67 -22.23
CA LEU A 113 -18.55 -7.93 -22.52
C LEU A 113 -17.07 -7.92 -22.23
N ALA A 114 -16.40 -6.86 -22.59
CA ALA A 114 -14.99 -6.74 -22.30
C ALA A 114 -14.82 -6.66 -20.78
N LEU A 115 -15.77 -6.05 -20.10
CA LEU A 115 -15.74 -6.01 -18.66
C LEU A 115 -15.84 -7.43 -18.07
N LEU A 116 -16.75 -8.20 -18.62
CA LEU A 116 -16.94 -9.55 -18.18
C LEU A 116 -15.69 -10.39 -18.29
N GLU A 117 -14.90 -10.20 -19.33
CA GLU A 117 -13.76 -11.06 -19.57
C GLU A 117 -12.54 -10.52 -18.91
N ALA A 118 -12.70 -9.43 -18.16
CA ALA A 118 -11.56 -8.75 -17.63
C ALA A 118 -10.73 -9.63 -16.74
N ASP A 119 -9.43 -9.46 -16.84
CA ASP A 119 -8.53 -10.18 -15.99
C ASP A 119 -7.96 -9.23 -14.96
N ARG A 120 -7.05 -9.72 -14.16
CA ARG A 120 -6.52 -8.97 -13.06
C ARG A 120 -5.89 -7.67 -13.42
N ASP A 121 -5.21 -7.61 -14.55
CA ASP A 121 -4.65 -6.36 -15.04
C ASP A 121 -5.66 -5.39 -15.66
N GLN A 122 -6.75 -5.89 -16.23
CA GLN A 122 -7.72 -5.04 -16.86
C GLN A 122 -8.93 -4.64 -16.05
N ILE A 123 -9.19 -5.37 -14.98
CA ILE A 123 -10.45 -5.22 -14.28
C ILE A 123 -10.63 -3.82 -13.72
N ALA A 124 -9.56 -3.25 -13.19
CA ALA A 124 -9.70 -1.94 -12.63
C ALA A 124 -10.03 -0.94 -13.68
N PHE A 125 -9.34 -0.98 -14.81
CA PHE A 125 -9.55 0.03 -15.80
C PHE A 125 -10.92 -0.07 -16.37
N ARG A 126 -11.31 -1.26 -16.76
CA ARG A 126 -12.62 -1.45 -17.40
C ARG A 126 -13.77 -1.24 -16.49
N LEU A 127 -13.59 -1.56 -15.23
CA LEU A 127 -14.65 -1.34 -14.26
C LEU A 127 -14.88 0.14 -14.09
N ARG A 128 -13.79 0.87 -14.00
CA ARG A 128 -13.91 2.29 -13.84
C ARG A 128 -14.62 2.91 -15.02
N GLN A 129 -14.21 2.51 -16.20
CA GLN A 129 -14.76 3.03 -17.42
C GLN A 129 -16.23 2.70 -17.48
N ALA A 130 -16.60 1.48 -17.16
CA ALA A 130 -18.00 1.14 -17.15
C ALA A 130 -18.83 1.91 -16.12
N VAL A 131 -18.31 2.15 -14.94
CA VAL A 131 -19.11 2.83 -13.93
C VAL A 131 -19.40 4.28 -14.32
N ALA A 132 -18.44 4.93 -14.97
CA ALA A 132 -18.60 6.30 -15.38
C ALA A 132 -19.68 6.39 -16.43
N LEU A 133 -19.80 5.35 -17.23
CA LEU A 133 -20.72 5.28 -18.37
C LEU A 133 -22.17 5.33 -17.98
N VAL A 134 -22.53 4.73 -16.87
CA VAL A 134 -23.92 4.64 -16.50
C VAL A 134 -24.48 5.93 -15.97
N GLU A 135 -25.80 5.96 -15.85
CA GLU A 135 -26.54 7.07 -15.33
C GLU A 135 -27.22 6.55 -14.11
N GLY A 136 -27.35 7.35 -13.08
CA GLY A 136 -28.07 6.96 -11.87
C GLY A 136 -27.20 6.27 -10.85
N GLY A 137 -27.82 5.84 -9.75
CA GLY A 137 -27.11 5.13 -8.73
C GLY A 137 -26.96 3.64 -9.01
N ILE A 138 -25.98 3.01 -8.40
CA ILE A 138 -25.83 1.60 -8.51
C ILE A 138 -25.59 1.02 -7.15
N ASP A 139 -25.76 -0.29 -7.03
CA ASP A 139 -25.64 -0.91 -5.75
C ASP A 139 -24.19 -1.26 -5.47
N PHE A 140 -23.53 -0.39 -4.75
CA PHE A 140 -22.12 -0.49 -4.43
C PHE A 140 -21.82 -1.60 -3.48
N ALA A 141 -22.77 -1.93 -2.63
CA ALA A 141 -22.60 -3.04 -1.72
C ALA A 141 -22.53 -4.30 -2.50
N ARG A 142 -23.45 -4.49 -3.42
CA ARG A 142 -23.45 -5.67 -4.24
C ARG A 142 -22.21 -5.66 -5.08
N LEU A 143 -21.76 -4.50 -5.47
CA LEU A 143 -20.59 -4.43 -6.29
C LEU A 143 -19.34 -4.96 -5.62
N LEU A 144 -19.13 -4.59 -4.38
CA LEU A 144 -17.97 -5.05 -3.64
C LEU A 144 -18.03 -6.53 -3.43
N ASP A 145 -19.20 -7.02 -3.10
CA ASP A 145 -19.37 -8.44 -2.86
C ASP A 145 -19.03 -9.20 -4.11
N ASP A 146 -19.45 -8.67 -5.24
CA ASP A 146 -19.17 -9.29 -6.52
C ASP A 146 -17.69 -9.23 -6.86
N LEU A 147 -17.07 -8.11 -6.58
CA LEU A 147 -15.69 -7.92 -6.95
C LEU A 147 -14.81 -8.88 -6.19
N LEU A 148 -15.18 -9.11 -4.96
CA LEU A 148 -14.45 -9.98 -4.07
C LEU A 148 -14.39 -11.40 -4.59
N ARG A 149 -15.46 -11.81 -5.24
CA ARG A 149 -15.56 -13.15 -5.74
C ARG A 149 -15.37 -13.24 -7.22
N TRP A 150 -14.79 -12.21 -7.80
CA TRP A 150 -14.64 -12.10 -9.23
C TRP A 150 -13.83 -13.20 -9.80
N PHE A 151 -12.82 -13.61 -9.04
CA PHE A 151 -11.83 -14.53 -9.53
C PHE A 151 -12.04 -15.93 -9.09
N SER A 152 -13.24 -16.22 -8.65
CA SER A 152 -13.62 -17.58 -8.36
C SER A 152 -13.51 -18.37 -9.67
N PRO A 153 -13.03 -19.59 -9.59
CA PRO A 153 -12.84 -20.43 -10.76
C PRO A 153 -14.10 -20.76 -11.51
N GLU A 154 -15.20 -20.86 -10.78
CA GLU A 154 -16.46 -21.21 -11.39
C GLU A 154 -17.15 -20.04 -12.06
N ARG A 155 -16.58 -18.84 -11.92
CA ARG A 155 -17.09 -17.68 -12.55
C ARG A 155 -18.53 -17.38 -12.20
N HIS A 156 -18.90 -17.56 -10.95
CA HIS A 156 -20.28 -17.28 -10.59
C HIS A 156 -20.73 -15.87 -10.83
N VAL A 157 -19.89 -14.90 -10.49
CA VAL A 157 -20.28 -13.49 -10.58
C VAL A 157 -20.55 -13.05 -11.99
N GLN A 158 -19.64 -13.38 -12.88
CA GLN A 158 -19.79 -13.06 -14.27
C GLN A 158 -21.02 -13.71 -14.87
N ALA A 159 -21.29 -14.96 -14.52
CA ALA A 159 -22.51 -15.58 -15.00
C ALA A 159 -23.76 -14.82 -14.55
N ARG A 160 -23.79 -14.44 -13.30
CA ARG A 160 -24.92 -13.75 -12.73
C ARG A 160 -25.06 -12.46 -13.44
N TRP A 161 -23.93 -11.85 -13.77
CA TRP A 161 -23.93 -10.56 -14.47
C TRP A 161 -24.52 -10.66 -15.83
N ALA A 162 -24.21 -11.75 -16.51
CA ALA A 162 -24.76 -12.03 -17.83
C ALA A 162 -26.24 -12.28 -17.72
N ARG A 163 -26.66 -12.90 -16.64
CA ARG A 163 -28.08 -13.08 -16.43
C ARG A 163 -28.79 -11.74 -16.31
N GLU A 164 -28.25 -10.85 -15.49
CA GLU A 164 -28.92 -9.59 -15.21
C GLU A 164 -29.01 -8.79 -16.48
N TYR A 165 -27.93 -8.78 -17.24
CA TYR A 165 -27.86 -8.01 -18.46
C TYR A 165 -28.71 -8.54 -19.61
N TYR A 166 -28.65 -9.82 -19.87
CA TYR A 166 -29.44 -10.38 -20.95
C TYR A 166 -30.76 -10.96 -20.46
N GLY A 167 -31.06 -10.80 -19.19
CA GLY A 167 -32.34 -11.27 -18.68
C GLY A 167 -33.29 -10.11 -18.44
N ALA A 168 -32.84 -8.91 -18.79
CA ALA A 168 -33.65 -7.70 -18.67
C ALA A 168 -34.41 -7.54 -19.96
N MET B 13 17.17 -18.37 5.58
CA MET B 13 17.83 -17.18 6.19
C MET B 13 17.84 -15.91 5.32
N SER B 14 17.14 -14.89 5.80
CA SER B 14 16.86 -13.67 5.07
C SER B 14 18.06 -12.76 4.96
N PRO B 15 18.14 -12.01 3.87
CA PRO B 15 19.24 -11.11 3.60
C PRO B 15 19.29 -10.03 4.65
N GLY B 16 18.13 -9.67 5.19
CA GLY B 16 18.08 -8.71 6.26
C GLY B 16 18.69 -9.25 7.52
N GLU B 17 18.40 -10.51 7.80
CA GLU B 17 18.85 -11.19 8.99
C GLU B 17 20.37 -11.33 8.95
N ARG B 18 20.90 -11.74 7.81
CA ARG B 18 22.31 -11.91 7.66
C ARG B 18 23.06 -10.64 7.91
N PHE B 19 22.56 -9.55 7.37
CA PHE B 19 23.25 -8.29 7.48
C PHE B 19 23.29 -7.85 8.94
N LEU B 20 22.20 -8.09 9.62
CA LEU B 20 22.08 -7.64 10.98
C LEU B 20 23.11 -8.44 11.79
N ASP B 21 23.25 -9.69 11.43
CA ASP B 21 24.25 -10.48 12.05
C ASP B 21 25.65 -9.89 11.83
N TRP B 22 25.94 -9.52 10.59
CA TRP B 22 27.17 -8.84 10.28
C TRP B 22 27.32 -7.55 11.04
N LEU B 23 26.26 -6.77 11.11
CA LEU B 23 26.31 -5.51 11.87
C LEU B 23 26.51 -5.73 13.37
N LYS B 24 25.86 -6.74 13.93
CA LYS B 24 25.99 -7.02 15.35
C LYS B 24 27.40 -7.45 15.70
N ARG B 25 27.92 -8.39 14.93
CA ARG B 25 29.25 -8.83 15.21
C ARG B 25 30.19 -7.63 15.13
N LEU B 26 29.90 -6.69 14.25
CA LEU B 26 30.79 -5.58 14.06
C LEU B 26 30.84 -4.70 15.29
N GLN B 27 29.71 -4.56 15.96
CA GLN B 27 29.60 -3.68 17.11
C GLN B 27 30.45 -4.04 18.32
N GLY B 28 30.62 -5.34 18.55
CA GLY B 28 31.50 -5.89 19.59
C GLY B 28 33.00 -5.69 19.44
N GLN B 29 33.45 -5.51 18.21
CA GLN B 29 34.86 -5.28 17.91
C GLN B 29 35.34 -3.86 18.23
N LYS B 30 36.65 -3.69 18.28
CA LYS B 30 37.29 -2.40 18.59
C LYS B 30 36.96 -1.31 17.57
N ALA B 31 36.79 -1.73 16.33
CA ALA B 31 36.52 -0.83 15.22
C ALA B 31 35.15 -0.11 15.36
N TRP B 32 34.29 -0.62 16.24
CA TRP B 32 32.96 -0.09 16.30
C TRP B 32 32.99 1.39 16.46
N THR B 33 33.94 1.89 17.22
CA THR B 33 33.94 3.31 17.48
C THR B 33 34.08 4.11 16.21
N ALA B 34 35.14 3.84 15.45
CA ALA B 34 35.33 4.50 14.16
C ALA B 34 34.21 4.18 13.20
N ALA B 35 33.78 2.92 13.19
CA ALA B 35 32.70 2.55 12.27
C ALA B 35 31.40 3.35 12.51
N ARG B 36 31.00 3.44 13.76
CA ARG B 36 29.80 4.15 14.12
C ARG B 36 29.89 5.61 13.72
N ALA B 37 31.03 6.22 14.00
CA ALA B 37 31.20 7.62 13.62
C ALA B 37 31.08 7.71 12.12
N ALA B 38 31.69 6.78 11.40
CA ALA B 38 31.59 6.75 9.96
C ALA B 38 30.14 6.60 9.46
N PHE B 39 29.41 5.66 10.04
CA PHE B 39 28.02 5.50 9.65
C PHE B 39 27.23 6.75 9.94
N ARG B 40 27.38 7.27 11.13
CA ARG B 40 26.63 8.46 11.47
C ARG B 40 26.96 9.61 10.56
N ARG B 41 28.22 9.70 10.13
CA ARG B 41 28.64 10.77 9.26
C ARG B 41 28.03 10.62 7.88
N SER B 42 27.83 9.39 7.45
CA SER B 42 27.30 9.08 6.11
C SER B 42 25.89 9.62 5.84
N LEU B 43 25.12 9.92 6.88
CA LEU B 43 23.78 10.39 6.68
C LEU B 43 23.77 11.67 5.90
N ALA B 44 24.82 12.46 6.03
CA ALA B 44 24.93 13.68 5.26
C ALA B 44 25.02 13.38 3.78
N PHE B 45 25.31 12.13 3.46
CA PHE B 45 25.54 11.78 2.10
C PHE B 45 24.63 10.68 1.63
N PRO B 46 24.58 10.56 0.32
CA PRO B 46 23.86 9.52 -0.38
C PRO B 46 24.47 8.22 0.04
N PRO B 47 23.66 7.19 0.23
CA PRO B 47 24.18 5.92 0.71
C PRO B 47 25.16 5.32 -0.26
N GLY B 48 26.30 4.87 0.25
CA GLY B 48 27.33 4.26 -0.56
C GLY B 48 28.26 5.25 -1.21
N ALA B 49 28.10 6.52 -0.88
CA ALA B 49 28.89 7.55 -1.48
C ALA B 49 29.81 8.11 -0.44
N TYR B 50 29.92 7.43 0.68
CA TYR B 50 30.83 7.88 1.72
C TYR B 50 31.91 6.84 1.98
N PRO B 51 33.12 7.07 1.47
CA PRO B 51 34.20 6.07 1.50
C PRO B 51 34.61 5.57 2.90
N ARG B 52 34.61 6.43 3.92
CA ARG B 52 34.97 5.97 5.24
C ARG B 52 34.10 4.83 5.71
N ALA B 53 32.83 4.87 5.36
CA ALA B 53 31.94 3.83 5.79
C ALA B 53 32.19 2.54 5.04
N MET B 54 32.90 2.65 3.95
CA MET B 54 33.05 1.54 3.03
C MET B 54 33.76 0.27 3.51
N PRO B 55 34.80 0.40 4.33
CA PRO B 55 35.48 -0.80 4.77
C PRO B 55 34.53 -1.72 5.52
N TYR B 56 33.60 -1.13 6.24
CA TYR B 56 32.67 -1.87 7.05
C TYR B 56 31.55 -2.58 6.31
N VAL B 57 31.19 -2.09 5.13
CA VAL B 57 30.11 -2.70 4.37
C VAL B 57 30.55 -3.46 3.15
N GLU B 58 31.58 -2.98 2.48
CA GLU B 58 31.98 -3.56 1.21
C GLU B 58 32.35 -5.03 1.29
N PRO B 59 32.99 -5.45 2.37
CA PRO B 59 33.33 -6.85 2.51
C PRO B 59 32.10 -7.72 2.62
N PHE B 60 31.08 -7.28 3.32
CA PHE B 60 29.88 -8.08 3.42
C PHE B 60 29.22 -8.17 2.05
N LEU B 61 29.26 -7.06 1.33
CA LEU B 61 28.66 -6.95 0.00
C LEU B 61 29.30 -7.83 -1.05
N ALA B 62 30.57 -8.15 -0.87
CA ALA B 62 31.31 -8.87 -1.89
C ALA B 62 30.78 -10.27 -2.09
N LYS B 63 30.14 -10.80 -1.05
CA LYS B 63 29.58 -12.16 -1.10
C LYS B 63 28.45 -12.32 -2.09
N GLY B 64 27.62 -11.29 -2.24
CA GLY B 64 26.51 -11.37 -3.17
C GLY B 64 26.62 -10.67 -4.50
N ASP B 65 25.56 -10.80 -5.29
CA ASP B 65 25.37 -10.01 -6.50
C ASP B 65 24.32 -8.98 -6.21
N TRP B 66 24.71 -7.72 -6.06
CA TRP B 66 23.76 -6.69 -5.68
C TRP B 66 23.59 -5.58 -6.69
N ARG B 67 22.36 -5.27 -6.99
CA ARG B 67 22.08 -4.16 -7.83
C ARG B 67 22.31 -2.92 -7.02
N GLN B 68 22.43 -1.78 -7.67
CA GLN B 68 22.85 -0.61 -6.96
C GLN B 68 21.91 -0.15 -5.85
N GLU B 69 20.62 -0.19 -6.09
CA GLU B 69 19.70 0.24 -5.05
C GLU B 69 19.75 -0.70 -3.85
N GLU B 70 20.20 -1.91 -4.08
CA GLU B 70 20.39 -2.87 -3.02
C GLU B 70 21.57 -2.56 -2.10
N ARG B 71 22.67 -2.09 -2.67
CA ARG B 71 23.81 -1.71 -1.87
C ARG B 71 23.44 -0.50 -1.05
N GLU B 72 22.67 0.38 -1.64
CA GLU B 72 22.28 1.58 -1.00
C GLU B 72 21.41 1.24 0.17
N ALA B 73 20.59 0.22 -0.01
CA ALA B 73 19.71 -0.19 1.03
C ALA B 73 20.52 -0.71 2.20
N HIS B 74 21.57 -1.44 1.93
CA HIS B 74 22.45 -1.92 2.95
C HIS B 74 23.19 -0.82 3.67
N TYR B 75 23.71 0.10 2.90
CA TYR B 75 24.42 1.20 3.48
C TYR B 75 23.53 2.07 4.30
N LEU B 76 22.31 2.27 3.82
CA LEU B 76 21.39 3.06 4.59
C LEU B 76 21.06 2.44 5.91
N VAL B 77 20.82 1.14 5.93
CA VAL B 77 20.43 0.46 7.14
C VAL B 77 21.57 0.46 8.17
N ALA B 78 22.81 0.37 7.70
CA ALA B 78 23.91 0.47 8.57
C ALA B 78 23.95 1.78 9.25
N ALA B 79 23.75 2.85 8.50
CA ALA B 79 23.73 4.16 9.10
C ALA B 79 22.58 4.33 10.11
N LEU B 80 21.41 3.84 9.78
CA LEU B 80 20.27 3.99 10.68
C LEU B 80 20.48 3.17 11.91
N TYR B 81 21.10 2.03 11.73
CA TYR B 81 21.46 1.19 12.83
C TYR B 81 22.45 1.92 13.72
N ALA B 82 23.38 2.64 13.12
CA ALA B 82 24.35 3.38 13.91
C ALA B 82 23.72 4.47 14.73
N LEU B 83 22.68 5.07 14.16
CA LEU B 83 21.93 6.15 14.79
C LEU B 83 21.30 5.65 16.06
N LYS B 84 20.68 4.48 15.97
CA LYS B 84 19.95 3.93 17.09
C LYS B 84 20.90 3.26 17.97
N ASP B 85 22.16 3.50 17.66
CA ASP B 85 23.27 2.91 18.34
C ASP B 85 23.11 1.40 18.55
N GLY B 86 22.84 0.69 17.48
CA GLY B 86 22.71 -0.75 17.54
C GLY B 86 21.47 -1.26 18.23
N ASP B 87 20.57 -0.36 18.53
CA ASP B 87 19.39 -0.67 19.30
C ASP B 87 18.36 -1.40 18.43
N HIS B 88 18.51 -2.70 18.30
CA HIS B 88 17.64 -3.47 17.45
C HIS B 88 16.66 -4.33 18.16
N GLN B 89 15.42 -3.90 18.16
CA GLN B 89 14.37 -4.67 18.80
C GLN B 89 13.65 -5.46 17.77
N VAL B 90 13.85 -6.77 17.78
CA VAL B 90 13.18 -7.65 16.83
C VAL B 90 11.69 -7.70 17.05
N GLY B 91 10.96 -7.85 15.97
CA GLY B 91 9.52 -7.96 16.01
C GLY B 91 8.85 -6.61 15.98
N ARG B 92 9.57 -5.57 16.32
CA ARG B 92 9.01 -4.23 16.31
C ARG B 92 9.43 -3.47 15.06
N THR B 93 8.59 -3.49 14.04
CA THR B 93 8.87 -2.80 12.77
C THR B 93 8.71 -1.33 12.96
N LEU B 94 9.34 -0.56 12.09
CA LEU B 94 9.32 0.88 12.17
C LEU B 94 7.92 1.43 12.04
N ALA B 95 7.09 0.84 11.19
CA ALA B 95 5.73 1.30 11.05
C ALA B 95 5.01 1.24 12.38
N ARG B 96 5.17 0.13 13.08
CA ARG B 96 4.56 -0.03 14.36
C ARG B 96 5.12 1.00 15.29
N ALA B 97 6.44 1.19 15.24
CA ALA B 97 7.08 2.15 16.12
C ALA B 97 6.51 3.51 15.85
N LEU B 98 6.37 3.82 14.57
CA LEU B 98 5.79 5.08 14.20
C LEU B 98 4.38 5.24 14.74
N TRP B 99 3.61 4.17 14.73
CA TRP B 99 2.26 4.27 15.25
C TRP B 99 2.31 4.54 16.72
N GLU B 100 3.20 3.84 17.42
CA GLU B 100 3.34 3.93 18.88
C GLU B 100 3.72 5.31 19.38
N LYS B 101 4.46 6.03 18.57
CA LYS B 101 4.75 7.40 18.92
C LYS B 101 3.49 8.31 18.77
N ALA B 102 2.34 7.89 19.31
CA ALA B 102 1.06 8.65 19.23
C ALA B 102 -0.20 7.83 19.46
N SER B 105 -1.12 10.32 16.76
CA SER B 105 -0.64 11.71 17.00
C SER B 105 -0.98 12.60 15.85
N ALA B 106 -1.70 12.06 14.88
CA ALA B 106 -2.15 12.88 13.76
C ALA B 106 -1.00 13.38 12.90
N SER B 107 -0.10 14.16 13.46
CA SER B 107 0.97 14.73 12.66
C SER B 107 1.89 13.64 12.16
N VAL B 108 2.04 12.63 13.02
CA VAL B 108 2.85 11.47 12.71
C VAL B 108 2.27 10.76 11.53
N GLU B 109 0.95 10.61 11.50
CA GLU B 109 0.30 9.89 10.41
C GLU B 109 0.62 10.47 9.06
N LYS B 110 0.78 11.78 9.01
CA LYS B 110 1.29 12.40 7.79
C LYS B 110 2.71 11.96 7.45
N ARG B 111 3.59 11.92 8.46
CA ARG B 111 4.99 11.46 8.28
C ARG B 111 5.05 10.05 7.72
N PHE B 112 4.25 9.16 8.30
CA PHE B 112 4.19 7.80 7.85
C PHE B 112 3.72 7.65 6.39
N LEU B 113 2.70 8.37 6.01
CA LEU B 113 2.23 8.32 4.64
C LEU B 113 3.29 8.90 3.70
N ALA B 114 3.91 9.97 4.16
CA ALA B 114 4.84 10.68 3.37
C ALA B 114 6.02 9.76 3.11
N LEU B 115 6.22 8.83 4.03
CA LEU B 115 7.22 7.81 3.87
C LEU B 115 6.87 6.85 2.76
N LEU B 116 5.60 6.49 2.64
CA LEU B 116 5.17 5.52 1.65
C LEU B 116 5.24 6.06 0.24
N GLU B 117 5.04 7.34 0.10
CA GLU B 117 5.05 7.97 -1.22
C GLU B 117 6.38 8.51 -1.62
N ALA B 118 7.37 8.26 -0.82
CA ALA B 118 8.69 8.75 -1.12
C ALA B 118 9.27 8.02 -2.32
N ASP B 119 9.97 8.75 -3.17
CA ASP B 119 10.72 8.18 -4.28
C ASP B 119 12.21 8.07 -3.91
N ARG B 120 13.01 7.47 -4.79
CA ARG B 120 14.41 7.18 -4.48
C ARG B 120 15.14 8.41 -4.01
N ASP B 121 14.69 9.58 -4.46
CA ASP B 121 15.32 10.82 -4.05
C ASP B 121 15.13 11.13 -2.59
N GLN B 122 13.92 10.87 -2.09
CA GLN B 122 13.56 11.32 -0.75
C GLN B 122 13.49 10.22 0.28
N ILE B 123 13.59 8.99 -0.15
CA ILE B 123 13.41 7.91 0.76
C ILE B 123 14.47 7.81 1.85
N ALA B 124 15.72 8.03 1.52
CA ALA B 124 16.71 7.94 2.55
C ALA B 124 16.50 9.02 3.58
N PHE B 125 16.24 10.24 3.16
CA PHE B 125 16.07 11.31 4.11
C PHE B 125 14.87 11.11 4.99
N ARG B 126 13.78 10.71 4.38
CA ARG B 126 12.53 10.56 5.10
C ARG B 126 12.67 9.38 6.00
N LEU B 127 13.38 8.40 5.51
CA LEU B 127 13.56 7.23 6.29
C LEU B 127 14.40 7.54 7.50
N ARG B 128 15.44 8.34 7.31
CA ARG B 128 16.30 8.75 8.43
C ARG B 128 15.53 9.56 9.44
N GLN B 129 14.80 10.56 8.99
CA GLN B 129 14.02 11.42 9.85
C GLN B 129 13.03 10.59 10.68
N ALA B 130 12.46 9.57 10.06
CA ALA B 130 11.50 8.74 10.72
C ALA B 130 12.12 7.87 11.81
N VAL B 131 13.33 7.37 11.56
CA VAL B 131 14.02 6.54 12.55
C VAL B 131 14.49 7.26 13.79
N ALA B 132 14.95 8.47 13.62
CA ALA B 132 15.33 9.27 14.75
C ALA B 132 14.13 9.51 15.68
N LEU B 133 12.96 9.65 15.06
CA LEU B 133 11.80 10.02 15.81
C LEU B 133 11.25 8.98 16.75
N VAL B 134 11.35 7.74 16.36
CA VAL B 134 10.69 6.72 17.13
C VAL B 134 11.46 6.47 18.39
N GLU B 135 10.79 5.90 19.39
CA GLU B 135 11.43 5.63 20.67
C GLU B 135 11.72 4.16 20.76
N GLY B 136 12.88 3.80 21.25
CA GLY B 136 13.16 2.40 21.38
C GLY B 136 13.84 1.88 20.14
N GLY B 137 13.85 0.57 19.97
CA GLY B 137 14.50 0.08 18.79
C GLY B 137 13.54 -0.63 17.89
N ILE B 138 13.94 -0.76 16.65
CA ILE B 138 13.09 -1.34 15.66
C ILE B 138 13.84 -2.49 15.07
N ASP B 139 13.14 -3.34 14.36
CA ASP B 139 13.73 -4.50 13.79
C ASP B 139 14.43 -4.14 12.49
N PHE B 140 15.76 -4.06 12.55
CA PHE B 140 16.56 -3.74 11.40
C PHE B 140 16.69 -4.85 10.38
N ALA B 141 16.50 -6.09 10.78
CA ALA B 141 16.56 -7.16 9.81
C ALA B 141 15.37 -7.04 8.90
N ARG B 142 14.24 -6.73 9.49
CA ARG B 142 13.03 -6.51 8.77
C ARG B 142 13.14 -5.30 7.91
N LEU B 143 13.77 -4.27 8.45
CA LEU B 143 13.89 -3.04 7.70
C LEU B 143 14.65 -3.24 6.41
N LEU B 144 15.75 -3.98 6.46
CA LEU B 144 16.49 -4.25 5.25
C LEU B 144 15.74 -5.07 4.22
N ASP B 145 15.09 -6.15 4.62
CA ASP B 145 14.37 -6.98 3.69
C ASP B 145 13.25 -6.21 3.01
N ASP B 146 12.64 -5.34 3.77
CA ASP B 146 11.59 -4.46 3.29
C ASP B 146 12.10 -3.40 2.33
N LEU B 147 13.26 -2.81 2.63
CA LEU B 147 13.87 -1.84 1.76
C LEU B 147 14.38 -2.47 0.51
N LEU B 148 14.76 -3.73 0.58
CA LEU B 148 15.25 -4.37 -0.60
C LEU B 148 14.17 -4.48 -1.63
N ARG B 149 12.93 -4.58 -1.19
CA ARG B 149 11.81 -4.77 -2.11
C ARG B 149 10.86 -3.60 -2.15
N TRP B 150 11.36 -2.44 -1.80
CA TRP B 150 10.57 -1.25 -1.67
C TRP B 150 9.96 -0.83 -2.98
N PHE B 151 10.69 -1.01 -4.06
CA PHE B 151 10.30 -0.46 -5.32
C PHE B 151 9.64 -1.36 -6.30
N SER B 152 9.08 -2.47 -5.86
CA SER B 152 8.26 -3.24 -6.78
C SER B 152 7.09 -2.34 -7.13
N PRO B 153 6.59 -2.51 -8.35
CA PRO B 153 5.49 -1.72 -8.91
C PRO B 153 4.21 -1.94 -8.14
N GLU B 154 4.03 -3.17 -7.65
CA GLU B 154 2.92 -3.57 -6.76
C GLU B 154 2.85 -2.76 -5.45
N ARG B 155 3.97 -2.36 -4.91
CA ARG B 155 3.90 -1.59 -3.71
C ARG B 155 3.39 -2.43 -2.53
N HIS B 156 3.77 -3.71 -2.53
CA HIS B 156 3.42 -4.66 -1.48
C HIS B 156 4.03 -4.40 -0.12
N VAL B 157 5.28 -3.94 -0.07
CA VAL B 157 5.90 -3.64 1.20
C VAL B 157 5.18 -2.48 1.86
N GLN B 158 4.89 -1.47 1.08
CA GLN B 158 4.25 -0.28 1.63
C GLN B 158 2.88 -0.67 2.14
N ALA B 159 2.27 -1.64 1.49
CA ALA B 159 0.96 -2.13 1.91
C ALA B 159 1.01 -2.76 3.28
N ARG B 160 2.03 -3.57 3.52
CA ARG B 160 2.22 -4.25 4.77
C ARG B 160 2.52 -3.29 5.89
N TRP B 161 3.28 -2.26 5.60
CA TRP B 161 3.54 -1.25 6.59
C TRP B 161 2.28 -0.56 6.99
N ALA B 162 1.39 -0.36 6.05
CA ALA B 162 0.10 0.20 6.37
C ALA B 162 -0.67 -0.72 7.30
N ARG B 163 -0.71 -2.01 6.97
CA ARG B 163 -1.39 -2.94 7.84
C ARG B 163 -0.73 -2.93 9.16
N GLU B 164 0.59 -2.81 9.17
CA GLU B 164 1.28 -2.73 10.43
C GLU B 164 0.95 -1.48 11.21
N TYR B 165 1.08 -0.35 10.61
CA TYR B 165 0.79 0.84 11.33
C TYR B 165 -0.64 0.90 11.81
N TYR B 166 -1.60 0.63 10.92
CA TYR B 166 -3.02 0.74 11.25
C TYR B 166 -3.48 -0.46 12.00
N GLY B 167 -2.67 -1.49 12.00
CA GLY B 167 -2.92 -2.68 12.81
C GLY B 167 -2.78 -2.42 14.31
N ALA B 168 -1.89 -1.51 14.69
CA ALA B 168 -1.66 -1.18 16.09
C ALA B 168 -2.84 -0.40 16.67
#